data_8I3Q
#
_entry.id   8I3Q
#
_cell.length_a   1.00
_cell.length_b   1.00
_cell.length_c   1.00
_cell.angle_alpha   90.00
_cell.angle_beta   90.00
_cell.angle_gamma   90.00
#
_symmetry.space_group_name_H-M   'P 1'
#
loop_
_entity.id
_entity.type
_entity.pdbx_description
1 polymer 'RNA (139-MER)'
2 polymer Cas12g
3 non-polymer 'ZINC ION'
#
loop_
_entity_poly.entity_id
_entity_poly.type
_entity_poly.pdbx_seq_one_letter_code
_entity_poly.pdbx_strand_id
1 'polyribonucleotide'
;GGGAUGCUUACUUAGUCAUCUGGUUGGCAAACCUCCGCGGACCUUCGGGACCAAUGGAGAGGAACCCAGCCGAGAAGCAU
CGAGCCGGUAAAUGAAUUUACCGGCUCUGACACCAAUUCGAAAUUAACACAAACAAGCU
;
C
2 'polypeptide(L)'
;MAQASSTPAVSPRPRPRYREERTLVRKLLPRPGQSKQEFRENVKKLRKAFLQFNADVSGVCQWAIQFRPRYGKPAEPTET
FWKFFLEPETSLPPNDSRSPEFRRLQAFEAAAGINGAAALDDPAFTNELRDSILAVASRPKTKEAQRLFSRLKDYQPAHR
MILAKVAAEWIESRYRRAHQNWERNYEEWKKEKQEWEQNHPELTPEIREAFNQIFQQLEVKEKRVRICPAARLLQNKDNC
QYAGKNKHSVLCNQFNEFKKNHLQGKAIKFFYKDAEKYLRCGLQSLKPNVQGPFREDWNKYLRYMNLKEETLRGKNGGRL
PHCKNLGQECEFNPHTALCKQYQQQLSSRPDLVQHDELYRKWRREYWREPRKPVFRYPSVKRHSIAKIFGENYFQADFKN
SVVGLRLDSMPAGQYLEFAFAPWPRNYRPQPGETEISSVHLHFVGTRPRIGFRFRVPHKRSRFDCTQEELDELRSRTFPR
KAQDQKFLEAARKRLLETFPGNAEQELRLLAVALGTDSARAAFFIGKTFQQAFPLKIVKIEKLYEQWPNQKQAGDRRDAS
SKQPRPGLSRDHVGRHLQKMRAQASEIAQKRQELTGTPAPETTTDQAAKKATLQPFDLRGLTVHTARMIRDWARLNARQI
IQLAEENQVDLIVLESLRGFRPPGYENLDQEKKRRVAFFAHGRIRRKVTEKAVERGMRVVTVPYLASSKVCAECRKKQKD
NKQWEKNKKRGLFKCEGCGSQAQVDENAARVLGRVFWGEIELPTAIP
;
A
#
loop_
_chem_comp.id
_chem_comp.type
_chem_comp.name
_chem_comp.formula
A RNA linking ADENOSINE-5'-MONOPHOSPHATE 'C10 H14 N5 O7 P'
C RNA linking CYTIDINE-5'-MONOPHOSPHATE 'C9 H14 N3 O8 P'
G RNA linking GUANOSINE-5'-MONOPHOSPHATE 'C10 H14 N5 O8 P'
U RNA linking URIDINE-5'-MONOPHOSPHATE 'C9 H13 N2 O9 P'
ZN non-polymer 'ZINC ION' 'Zn 2'
#
# COMPACT_ATOMS: atom_id res chain seq x y z
N PRO B 14 3.67 -1.24 -17.83
CA PRO B 14 4.18 0.02 -17.27
C PRO B 14 5.39 -0.19 -16.36
N ARG B 15 5.36 0.45 -15.20
CA ARG B 15 6.43 0.36 -14.22
C ARG B 15 6.43 -1.00 -13.55
N PRO B 16 7.62 -1.53 -13.22
CA PRO B 16 7.67 -2.83 -12.53
C PRO B 16 7.40 -2.71 -11.04
N ARG B 17 6.14 -2.52 -10.66
CA ARG B 17 5.78 -2.25 -9.27
C ARG B 17 6.23 -3.37 -8.35
N TYR B 18 5.99 -4.61 -8.75
CA TYR B 18 6.33 -5.76 -7.92
C TYR B 18 7.73 -6.21 -8.28
N ARG B 19 8.68 -5.98 -7.39
CA ARG B 19 10.05 -6.44 -7.56
C ARG B 19 10.23 -7.81 -6.92
N GLU B 20 11.50 -8.21 -6.82
CA GLU B 20 11.86 -9.54 -6.34
C GLU B 20 12.76 -9.45 -5.11
N GLU B 21 12.50 -8.52 -4.21
CA GLU B 21 13.42 -8.21 -3.12
C GLU B 21 13.10 -8.97 -1.83
N ARG B 22 11.92 -8.75 -1.24
CA ARG B 22 11.51 -9.47 -0.04
C ARG B 22 12.53 -9.34 1.10
N THR B 23 12.70 -8.14 1.65
CA THR B 23 13.69 -7.91 2.69
C THR B 23 13.17 -8.31 4.08
N LEU B 24 14.10 -8.70 4.96
CA LEU B 24 13.79 -9.25 6.27
C LEU B 24 14.40 -8.39 7.36
N VAL B 25 13.65 -8.16 8.44
CA VAL B 25 14.02 -7.22 9.50
C VAL B 25 14.23 -7.97 10.81
N ARG B 26 15.37 -7.73 11.46
CA ARG B 26 15.69 -8.32 12.75
C ARG B 26 16.05 -7.19 13.72
N LYS B 27 15.75 -7.38 15.00
CA LYS B 27 16.08 -6.38 16.00
C LYS B 27 17.55 -6.45 16.37
N LEU B 28 18.11 -5.31 16.79
CA LEU B 28 19.50 -5.28 17.24
C LEU B 28 19.59 -5.52 18.73
N LEU B 29 20.64 -6.22 19.14
CA LEU B 29 20.87 -6.60 20.53
C LEU B 29 22.31 -6.32 20.92
N PRO B 30 22.56 -6.10 22.21
CA PRO B 30 23.96 -5.94 22.65
C PRO B 30 24.71 -7.25 22.51
N ARG B 31 25.91 -7.17 21.96
CA ARG B 31 26.78 -8.33 21.89
C ARG B 31 27.20 -8.74 23.29
N PRO B 32 27.31 -10.05 23.56
CA PRO B 32 27.65 -10.48 24.93
C PRO B 32 28.97 -9.91 25.44
N GLY B 33 29.97 -9.78 24.57
CA GLY B 33 31.21 -9.13 24.98
C GLY B 33 31.02 -7.65 25.25
N GLN B 34 30.20 -7.00 24.44
CA GLN B 34 30.01 -5.57 24.60
C GLN B 34 29.27 -5.22 25.90
N SER B 35 29.70 -4.18 26.59
CA SER B 35 29.04 -3.77 27.87
C SER B 35 27.72 -3.04 27.56
N LYS B 36 26.74 -3.07 28.47
CA LYS B 36 25.43 -2.41 28.19
C LYS B 36 25.62 -0.91 27.98
N GLN B 37 26.49 -0.28 28.77
CA GLN B 37 26.74 1.18 28.58
C GLN B 37 27.40 1.40 27.22
N GLU B 38 28.31 0.51 26.82
CA GLU B 38 28.97 0.63 25.50
C GLU B 38 27.91 0.51 24.40
N PHE B 39 26.95 -0.39 24.56
CA PHE B 39 25.85 -0.55 23.57
C PHE B 39 25.02 0.74 23.52
N ARG B 40 24.72 1.35 24.66
CA ARG B 40 23.94 2.61 24.62
C ARG B 40 24.75 3.67 23.86
N GLU B 41 26.06 3.75 24.11
CA GLU B 41 26.89 4.75 23.41
C GLU B 41 26.85 4.48 21.91
N ASN B 42 26.92 3.21 21.48
CA ASN B 42 26.85 2.87 20.03
C ASN B 42 25.48 3.18 19.42
N VAL B 43 24.38 2.92 20.11
CA VAL B 43 23.06 3.23 19.48
C VAL B 43 22.88 4.74 19.39
N LYS B 44 23.62 5.50 20.21
CA LYS B 44 23.59 6.98 20.13
C LYS B 44 24.33 7.42 18.86
N LYS B 45 25.48 6.82 18.56
CA LYS B 45 26.22 7.20 17.34
C LYS B 45 25.36 6.90 16.12
N LEU B 46 24.65 5.76 16.10
CA LEU B 46 23.79 5.41 14.94
C LEU B 46 22.58 6.35 14.82
N ARG B 47 21.97 6.75 15.93
CA ARG B 47 20.73 7.59 15.89
C ARG B 47 21.03 8.91 15.19
N LYS B 48 22.22 9.45 15.42
CA LYS B 48 22.75 10.67 14.81
C LYS B 48 22.87 10.52 13.29
N ALA B 49 23.43 9.39 12.85
CA ALA B 49 23.59 9.17 11.42
C ALA B 49 22.24 9.09 10.71
N PHE B 50 21.27 8.42 11.33
CA PHE B 50 19.94 8.31 10.74
C PHE B 50 19.28 9.68 10.61
N LEU B 51 19.42 10.52 11.63
CA LEU B 51 18.89 11.87 11.59
C LEU B 51 19.52 12.67 10.44
N GLN B 52 20.84 12.58 10.30
CA GLN B 52 21.52 13.33 9.25
C GLN B 52 21.08 12.86 7.87
N PHE B 53 20.95 11.54 7.67
CA PHE B 53 20.53 11.00 6.39
C PHE B 53 19.12 11.48 6.03
N ASN B 54 18.21 11.46 7.00
CA ASN B 54 16.86 11.95 6.73
C ASN B 54 16.86 13.43 6.38
N ALA B 55 17.66 14.23 7.09
CA ALA B 55 17.71 15.65 6.77
C ALA B 55 18.20 15.89 5.35
N ASP B 56 19.24 15.17 4.94
CA ASP B 56 19.78 15.36 3.59
C ASP B 56 18.76 14.96 2.53
N VAL B 57 18.08 13.83 2.73
CA VAL B 57 17.09 13.40 1.74
C VAL B 57 15.95 14.40 1.65
N SER B 58 15.48 14.89 2.80
CA SER B 58 14.40 15.87 2.78
C SER B 58 14.81 17.14 2.04
N GLY B 59 16.05 17.60 2.26
CA GLY B 59 16.51 18.77 1.55
C GLY B 59 16.58 18.57 0.05
N VAL B 60 17.10 17.42 -0.39
CA VAL B 60 17.20 17.17 -1.82
C VAL B 60 15.81 17.11 -2.45
N CYS B 61 14.86 16.47 -1.76
CA CYS B 61 13.49 16.44 -2.27
C CYS B 61 12.89 17.83 -2.35
N GLN B 62 13.17 18.70 -1.36
CA GLN B 62 12.72 20.08 -1.43
C GLN B 62 13.28 20.77 -2.66
N TRP B 63 14.56 20.54 -2.96
CA TRP B 63 15.16 21.17 -4.14
C TRP B 63 14.53 20.67 -5.42
N ALA B 64 14.26 19.37 -5.51
CA ALA B 64 13.84 18.77 -6.77
C ALA B 64 12.34 18.85 -7.04
N ILE B 65 11.52 19.17 -6.04
CA ILE B 65 10.07 19.21 -6.25
C ILE B 65 9.63 20.38 -7.13
N GLN B 66 10.47 21.40 -7.32
CA GLN B 66 10.05 22.59 -8.03
C GLN B 66 10.13 22.47 -9.54
N PHE B 67 10.70 21.38 -10.07
CA PHE B 67 10.87 21.21 -11.51
C PHE B 67 9.75 20.39 -12.13
N ARG B 68 8.71 20.04 -11.38
CA ARG B 68 7.67 19.18 -11.89
C ARG B 68 6.89 19.90 -12.99
N PRO B 69 6.43 19.17 -14.02
CA PRO B 69 5.52 19.79 -15.00
C PRO B 69 4.11 19.87 -14.44
N ARG B 70 3.56 21.08 -14.48
CA ARG B 70 2.22 21.30 -13.95
C ARG B 70 1.15 20.84 -14.93
N TYR B 71 0.01 20.42 -14.39
CA TYR B 71 -1.10 19.96 -15.21
C TYR B 71 -1.79 21.13 -15.89
N GLY B 72 -2.20 20.90 -17.14
CA GLY B 72 -2.94 21.90 -17.88
C GLY B 72 -2.12 23.10 -18.29
N LYS B 73 -0.79 22.95 -18.35
CA LYS B 73 0.06 24.09 -18.76
C LYS B 73 1.03 23.62 -19.84
N PRO B 74 1.55 24.53 -20.70
CA PRO B 74 2.49 24.14 -21.76
C PRO B 74 3.78 23.63 -21.09
N ALA B 75 4.38 22.61 -21.68
CA ALA B 75 5.60 22.00 -21.09
C ALA B 75 6.75 22.99 -21.06
N GLU B 76 7.43 23.06 -19.91
CA GLU B 76 8.63 23.85 -19.70
C GLU B 76 9.86 23.06 -20.11
N PRO B 77 10.97 23.75 -20.41
CA PRO B 77 12.16 23.03 -20.92
C PRO B 77 12.80 22.09 -19.91
N THR B 78 12.40 22.14 -18.64
CA THR B 78 13.03 21.33 -17.60
C THR B 78 12.41 19.95 -17.45
N GLU B 79 11.39 19.62 -18.25
CA GLU B 79 10.59 18.43 -17.97
C GLU B 79 11.35 17.14 -18.25
N THR B 80 12.09 17.08 -19.36
CA THR B 80 12.75 15.82 -19.71
C THR B 80 13.85 15.47 -18.71
N PHE B 81 14.49 16.48 -18.12
CA PHE B 81 15.42 16.19 -17.04
C PHE B 81 14.68 15.60 -15.83
N TRP B 82 13.49 16.12 -15.55
CA TRP B 82 12.69 15.56 -14.46
C TRP B 82 12.37 14.10 -14.70
N LYS B 83 11.95 13.77 -15.92
CA LYS B 83 11.61 12.39 -16.23
C LYS B 83 12.85 11.49 -16.20
N PHE B 84 13.99 12.02 -16.64
CA PHE B 84 15.24 11.26 -16.52
C PHE B 84 15.58 11.00 -15.06
N PHE B 85 15.40 12.00 -14.21
CA PHE B 85 15.71 11.87 -12.79
C PHE B 85 14.80 10.85 -12.13
N LEU B 86 13.52 10.82 -12.51
CA LEU B 86 12.59 9.93 -11.85
C LEU B 86 12.69 8.50 -12.38
N GLU B 87 12.75 8.34 -13.71
CA GLU B 87 12.77 7.02 -14.33
C GLU B 87 13.85 6.96 -15.40
N PRO B 88 15.11 6.77 -15.00
CA PRO B 88 16.18 6.63 -16.01
C PRO B 88 16.01 5.41 -16.91
N GLU B 89 15.32 4.38 -16.45
CA GLU B 89 15.25 3.13 -17.22
C GLU B 89 14.63 3.35 -18.59
N THR B 90 13.50 4.05 -18.65
CA THR B 90 12.90 4.37 -19.93
C THR B 90 13.77 5.34 -20.73
N SER B 91 14.39 6.30 -20.05
CA SER B 91 15.19 7.30 -20.75
C SER B 91 16.43 6.69 -21.38
N LEU B 92 17.16 5.87 -20.62
CA LEU B 92 18.35 5.25 -21.17
C LEU B 92 17.97 4.23 -22.25
N PRO B 93 18.87 3.96 -23.20
CA PRO B 93 18.65 2.88 -24.13
C PRO B 93 18.62 1.55 -23.38
N PRO B 94 17.97 0.53 -23.94
CA PRO B 94 17.82 -0.74 -23.20
C PRO B 94 19.14 -1.36 -22.78
N ASN B 95 20.20 -1.16 -23.56
CA ASN B 95 21.51 -1.72 -23.26
C ASN B 95 22.48 -0.57 -22.96
N ASP B 96 23.23 -0.71 -21.86
CA ASP B 96 24.29 0.21 -21.50
C ASP B 96 25.11 -0.45 -20.41
N SER B 97 26.41 -0.19 -20.41
CA SER B 97 27.29 -0.80 -19.42
C SER B 97 26.97 -0.33 -18.01
N ARG B 98 26.88 0.99 -17.82
CA ARG B 98 26.66 1.53 -16.48
C ARG B 98 25.20 1.40 -16.08
N SER B 99 24.97 1.18 -14.79
CA SER B 99 23.63 1.05 -14.26
C SER B 99 22.89 2.39 -14.38
N PRO B 100 21.56 2.36 -14.50
CA PRO B 100 20.82 3.61 -14.68
C PRO B 100 21.02 4.60 -13.55
N GLU B 101 21.22 4.11 -12.32
CA GLU B 101 21.36 5.01 -11.19
C GLU B 101 22.66 5.80 -11.27
N PHE B 102 23.72 5.18 -11.82
CA PHE B 102 24.96 5.92 -12.02
C PHE B 102 24.76 7.08 -12.98
N ARG B 103 23.95 6.88 -14.02
CA ARG B 103 23.60 7.98 -14.91
C ARG B 103 22.74 9.02 -14.22
N ARG B 104 21.84 8.58 -13.33
CA ARG B 104 21.05 9.53 -12.55
C ARG B 104 21.93 10.42 -11.72
N LEU B 105 22.96 9.85 -11.09
CA LEU B 105 23.88 10.64 -10.29
C LEU B 105 24.61 11.68 -11.15
N GLN B 106 25.05 11.28 -12.34
CA GLN B 106 25.73 12.22 -13.23
C GLN B 106 24.81 13.35 -13.63
N ALA B 107 23.55 13.04 -13.94
CA ALA B 107 22.60 14.10 -14.28
C ALA B 107 22.35 15.02 -13.10
N PHE B 108 22.19 14.45 -11.91
CA PHE B 108 21.88 15.24 -10.72
C PHE B 108 23.02 16.19 -10.38
N GLU B 109 24.26 15.71 -10.45
CA GLU B 109 25.39 16.57 -10.14
C GLU B 109 25.45 17.77 -11.09
N ALA B 110 25.23 17.54 -12.38
CA ALA B 110 25.24 18.63 -13.35
C ALA B 110 24.09 19.60 -13.10
N ALA B 111 22.91 19.07 -12.78
CA ALA B 111 21.75 19.94 -12.59
C ALA B 111 21.93 20.85 -11.38
N ALA B 112 22.37 20.27 -10.27
CA ALA B 112 22.53 21.02 -9.03
C ALA B 112 23.77 21.89 -9.03
N GLY B 113 24.62 21.71 -10.03
CA GLY B 113 25.83 22.50 -10.12
C GLY B 113 26.95 22.01 -9.23
N ILE B 114 26.86 20.77 -8.76
CA ILE B 114 27.93 20.20 -7.96
C ILE B 114 29.22 20.31 -8.76
N LEU B 120 28.44 14.75 -19.18
CA LEU B 120 27.09 14.65 -19.70
C LEU B 120 27.12 14.50 -21.21
N ASP B 121 28.32 14.54 -21.78
CA ASP B 121 28.47 14.40 -23.22
C ASP B 121 28.40 12.94 -23.65
N ASP B 122 28.32 12.02 -22.68
CA ASP B 122 28.25 10.60 -22.99
C ASP B 122 27.06 10.31 -23.94
N PRO B 123 27.23 9.40 -24.93
CA PRO B 123 26.08 9.22 -25.84
C PRO B 123 24.87 8.59 -25.18
N ALA B 124 25.03 8.00 -24.01
CA ALA B 124 23.88 7.54 -23.25
C ALA B 124 22.91 8.68 -22.96
N PHE B 125 23.44 9.89 -22.84
CA PHE B 125 22.59 11.07 -22.68
C PHE B 125 22.25 11.67 -24.04
N THR B 126 21.01 12.13 -24.18
CA THR B 126 20.56 12.73 -25.43
C THR B 126 20.80 14.24 -25.41
N ASN B 127 20.71 14.84 -26.59
CA ASN B 127 20.92 16.28 -26.70
C ASN B 127 19.84 17.06 -25.96
N GLU B 128 18.60 16.59 -26.05
CA GLU B 128 17.51 17.24 -25.31
C GLU B 128 17.76 17.19 -23.81
N LEU B 129 18.26 16.07 -23.31
CA LEU B 129 18.55 15.95 -21.89
C LEU B 129 19.62 16.95 -21.46
N ARG B 130 20.69 17.06 -22.25
CA ARG B 130 21.75 18.01 -21.93
C ARG B 130 21.22 19.44 -21.95
N ASP B 131 20.40 19.77 -22.95
CA ASP B 131 19.84 21.12 -23.02
C ASP B 131 18.93 21.41 -21.83
N SER B 132 18.13 20.44 -21.42
CA SER B 132 17.24 20.64 -20.27
C SER B 132 18.03 20.81 -18.99
N ILE B 133 19.12 20.06 -18.82
CA ILE B 133 19.95 20.25 -17.63
C ILE B 133 20.65 21.60 -17.67
N LEU B 134 21.04 22.06 -18.85
CA LEU B 134 21.58 23.41 -18.97
C LEU B 134 20.54 24.44 -18.54
N ALA B 135 19.29 24.24 -18.92
CA ALA B 135 18.22 25.13 -18.49
C ALA B 135 18.02 25.06 -16.98
N VAL B 136 18.08 23.86 -16.41
CA VAL B 136 17.86 23.66 -14.99
C VAL B 136 18.94 24.36 -14.17
N ALA B 137 20.20 24.20 -14.56
CA ALA B 137 21.30 24.79 -13.80
C ALA B 137 21.21 26.32 -13.81
N SER B 138 20.60 26.89 -14.83
CA SER B 138 20.47 28.34 -14.95
C SER B 138 19.18 28.80 -14.24
N ARG B 139 19.12 28.48 -12.95
CA ARG B 139 18.00 28.85 -12.11
C ARG B 139 18.53 29.31 -10.76
N PRO B 140 17.80 30.22 -10.08
CA PRO B 140 18.28 30.73 -8.80
C PRO B 140 18.16 29.68 -7.71
N LYS B 141 19.18 29.62 -6.84
CA LYS B 141 19.18 28.70 -5.71
C LYS B 141 18.77 29.43 -4.45
N THR B 142 17.88 28.82 -3.67
CA THR B 142 17.48 29.39 -2.40
C THR B 142 18.60 29.20 -1.37
N LYS B 143 18.40 29.81 -0.20
CA LYS B 143 19.41 29.70 0.85
C LYS B 143 19.56 28.26 1.33
N GLU B 144 18.45 27.55 1.48
CA GLU B 144 18.52 26.15 1.88
C GLU B 144 19.23 25.31 0.83
N ALA B 145 18.96 25.57 -0.45
CA ALA B 145 19.58 24.79 -1.51
C ALA B 145 21.10 25.00 -1.55
N GLN B 146 21.54 26.24 -1.41
CA GLN B 146 22.99 26.52 -1.45
C GLN B 146 23.71 25.83 -0.30
N ARG B 147 23.16 25.94 0.90
CA ARG B 147 23.76 25.29 2.07
C ARG B 147 23.77 23.77 1.92
N LEU B 148 22.65 23.21 1.45
CA LEU B 148 22.58 21.78 1.24
C LEU B 148 23.63 21.30 0.25
N PHE B 149 23.79 22.02 -0.86
CA PHE B 149 24.75 21.61 -1.87
C PHE B 149 26.18 21.79 -1.37
N SER B 150 26.42 22.83 -0.57
CA SER B 150 27.73 23.02 0.04
C SER B 150 28.07 21.83 0.95
N ARG B 151 27.11 21.38 1.74
CA ARG B 151 27.35 20.20 2.57
C ARG B 151 27.54 18.95 1.72
N LEU B 152 26.71 18.79 0.68
CA LEU B 152 26.70 17.57 -0.12
C LEU B 152 27.96 17.45 -0.97
N LYS B 153 28.66 18.57 -1.20
CA LYS B 153 29.90 18.51 -1.96
C LYS B 153 30.92 17.59 -1.30
N ASP B 154 30.95 17.56 0.02
CA ASP B 154 31.99 16.82 0.73
C ASP B 154 31.74 15.32 0.71
N TYR B 155 30.49 14.91 0.50
CA TYR B 155 30.13 13.50 0.65
C TYR B 155 30.82 12.64 -0.39
N GLN B 156 30.92 11.35 -0.07
CA GLN B 156 31.47 10.40 -1.01
C GLN B 156 30.51 10.16 -2.16
N PRO B 157 31.01 9.75 -3.33
CA PRO B 157 30.10 9.45 -4.44
C PRO B 157 29.10 8.35 -4.13
N ALA B 158 29.49 7.37 -3.31
CA ALA B 158 28.55 6.32 -2.93
C ALA B 158 27.40 6.87 -2.10
N HIS B 159 27.72 7.69 -1.10
CA HIS B 159 26.67 8.29 -0.29
C HIS B 159 25.78 9.20 -1.12
N ARG B 160 26.39 9.99 -2.01
CA ARG B 160 25.62 10.89 -2.86
C ARG B 160 24.68 10.11 -3.76
N MET B 161 25.18 9.02 -4.35
CA MET B 161 24.37 8.19 -5.24
C MET B 161 23.22 7.54 -4.50
N ILE B 162 23.51 6.95 -3.33
CA ILE B 162 22.45 6.30 -2.55
C ILE B 162 21.41 7.33 -2.14
N LEU B 163 21.85 8.51 -1.72
CA LEU B 163 20.94 9.56 -1.31
C LEU B 163 20.06 10.02 -2.46
N ALA B 164 20.65 10.21 -3.64
CA ALA B 164 19.88 10.61 -4.80
C ALA B 164 18.86 9.55 -5.18
N LYS B 165 19.27 8.27 -5.16
CA LYS B 165 18.33 7.19 -5.46
C LYS B 165 17.18 7.17 -4.47
N VAL B 166 17.47 7.32 -3.17
CA VAL B 166 16.42 7.27 -2.17
C VAL B 166 15.47 8.45 -2.34
N ALA B 167 16.00 9.64 -2.58
CA ALA B 167 15.14 10.80 -2.81
C ALA B 167 14.28 10.62 -4.04
N ALA B 168 14.85 10.06 -5.12
CA ALA B 168 14.09 9.85 -6.34
C ALA B 168 12.95 8.87 -6.11
N GLU B 169 13.24 7.73 -5.46
CA GLU B 169 12.18 6.78 -5.18
C GLU B 169 11.12 7.36 -4.27
N TRP B 170 11.54 8.14 -3.26
CA TRP B 170 10.57 8.76 -2.36
C TRP B 170 9.65 9.69 -3.13
N ILE B 171 10.22 10.61 -3.91
CA ILE B 171 9.40 11.58 -4.61
C ILE B 171 8.50 10.90 -5.62
N GLU B 172 9.02 9.89 -6.33
CA GLU B 172 8.20 9.11 -7.24
C GLU B 172 7.00 8.52 -6.52
N SER B 173 7.25 7.66 -5.53
CA SER B 173 6.17 6.94 -4.86
C SER B 173 5.18 7.87 -4.20
N ARG B 174 5.66 8.92 -3.55
CA ARG B 174 4.80 9.76 -2.73
C ARG B 174 4.14 10.90 -3.51
N TYR B 175 4.60 11.20 -4.73
CA TYR B 175 3.95 12.27 -5.48
C TYR B 175 3.42 11.82 -6.83
N ARG B 176 4.26 11.18 -7.65
CA ARG B 176 3.94 11.05 -9.07
C ARG B 176 2.84 10.02 -9.31
N ARG B 177 2.91 8.89 -8.60
CA ARG B 177 1.85 7.89 -8.74
C ARG B 177 0.49 8.48 -8.42
N ALA B 178 0.39 9.14 -7.26
CA ALA B 178 -0.88 9.73 -6.84
C ALA B 178 -1.32 10.83 -7.79
N HIS B 179 -0.38 11.64 -8.28
CA HIS B 179 -0.75 12.73 -9.18
C HIS B 179 -1.23 12.21 -10.52
N GLN B 180 -0.60 11.17 -11.06
CA GLN B 180 -1.04 10.62 -12.33
C GLN B 180 -2.41 9.96 -12.19
N ASN B 181 -2.62 9.24 -11.07
CA ASN B 181 -3.95 8.71 -10.79
C ASN B 181 -4.97 9.83 -10.67
N TRP B 182 -4.58 10.95 -10.06
CA TRP B 182 -5.48 12.08 -9.93
C TRP B 182 -5.81 12.69 -11.28
N GLU B 183 -4.84 12.75 -12.18
CA GLU B 183 -5.11 13.25 -13.53
C GLU B 183 -6.12 12.37 -14.24
N ARG B 184 -5.90 11.05 -14.21
CA ARG B 184 -6.82 10.14 -14.88
C ARG B 184 -8.21 10.20 -14.26
N ASN B 185 -8.27 10.35 -12.93
CA ASN B 185 -9.54 10.52 -12.26
C ASN B 185 -10.22 11.81 -12.67
N TYR B 186 -9.43 12.88 -12.83
CA TYR B 186 -9.99 14.19 -13.17
C TYR B 186 -10.60 14.19 -14.56
N GLU B 187 -9.93 13.56 -15.53
CA GLU B 187 -10.49 13.52 -16.88
C GLU B 187 -11.84 12.81 -16.89
N GLU B 188 -11.94 11.67 -16.20
CA GLU B 188 -13.22 10.97 -16.13
C GLU B 188 -14.24 11.78 -15.37
N TRP B 189 -13.80 12.56 -14.37
CA TRP B 189 -14.74 13.44 -13.67
C TRP B 189 -15.31 14.49 -14.62
N LYS B 190 -14.47 15.08 -15.46
CA LYS B 190 -14.95 16.02 -16.47
C LYS B 190 -15.98 15.37 -17.37
N LYS B 191 -15.64 14.20 -17.93
CA LYS B 191 -16.56 13.55 -18.87
C LYS B 191 -17.87 13.17 -18.18
N GLU B 192 -17.78 12.64 -16.96
CA GLU B 192 -18.97 12.18 -16.27
C GLU B 192 -19.86 13.34 -15.87
N LYS B 193 -19.28 14.45 -15.41
CA LYS B 193 -20.10 15.61 -15.08
C LYS B 193 -20.73 16.20 -16.32
N GLN B 194 -20.00 16.20 -17.44
CA GLN B 194 -20.58 16.70 -18.69
C GLN B 194 -21.77 15.84 -19.12
N GLU B 195 -21.61 14.52 -19.10
CA GLU B 195 -22.70 13.63 -19.47
C GLU B 195 -23.88 13.78 -18.53
N TRP B 196 -23.61 13.88 -17.24
CA TRP B 196 -24.68 14.05 -16.25
C TRP B 196 -25.44 15.33 -16.48
N GLU B 197 -24.73 16.45 -16.68
CA GLU B 197 -25.37 17.72 -16.95
C GLU B 197 -26.11 17.73 -18.27
N GLN B 198 -25.71 16.89 -19.23
CA GLN B 198 -26.36 16.86 -20.53
C GLN B 198 -27.36 15.73 -20.71
N ASN B 199 -27.64 14.93 -19.68
CA ASN B 199 -28.62 13.86 -19.84
C ASN B 199 -29.88 14.05 -19.00
N HIS B 200 -29.80 13.97 -17.68
CA HIS B 200 -31.03 14.12 -16.92
C HIS B 200 -31.34 15.58 -16.57
N PRO B 201 -30.46 16.29 -15.82
CA PRO B 201 -30.80 17.66 -15.40
C PRO B 201 -30.36 18.72 -16.40
N GLU B 202 -31.15 18.89 -17.46
CA GLU B 202 -30.94 19.96 -18.41
C GLU B 202 -31.43 21.31 -17.88
N LEU B 203 -31.95 21.36 -16.65
CA LEU B 203 -32.59 22.55 -16.11
C LEU B 203 -31.68 23.34 -15.18
N THR B 204 -30.38 23.05 -15.17
CA THR B 204 -29.48 23.78 -14.28
C THR B 204 -28.28 24.38 -15.01
N PRO B 205 -28.49 25.29 -15.97
CA PRO B 205 -27.33 26.00 -16.53
C PRO B 205 -26.73 26.99 -15.57
N GLU B 206 -27.57 27.80 -14.92
CA GLU B 206 -27.12 28.84 -14.00
C GLU B 206 -27.80 28.77 -12.64
N ILE B 207 -28.99 28.16 -12.54
CA ILE B 207 -29.75 28.17 -11.29
C ILE B 207 -28.94 27.56 -10.16
N ARG B 208 -27.89 26.80 -10.48
CA ARG B 208 -27.03 26.25 -9.43
C ARG B 208 -26.36 27.37 -8.64
N GLU B 209 -26.08 28.51 -9.28
CA GLU B 209 -25.38 29.60 -8.62
C GLU B 209 -26.20 30.19 -7.47
N ALA B 210 -27.52 30.33 -7.66
CA ALA B 210 -28.35 30.94 -6.63
C ALA B 210 -28.30 30.13 -5.35
N PHE B 211 -28.35 28.81 -5.45
CA PHE B 211 -28.29 27.97 -4.27
C PHE B 211 -26.85 27.78 -3.79
N ASN B 212 -25.87 27.99 -4.68
CA ASN B 212 -24.48 27.83 -4.29
C ASN B 212 -23.98 29.04 -3.49
N GLN B 213 -24.51 30.22 -3.78
CA GLN B 213 -24.01 31.44 -3.17
C GLN B 213 -24.24 31.45 -1.66
N ILE B 214 -25.43 31.01 -1.23
CA ILE B 214 -25.77 31.02 0.18
C ILE B 214 -24.84 30.09 0.96
N PHE B 215 -24.50 28.95 0.38
CA PHE B 215 -23.57 28.04 1.04
C PHE B 215 -22.15 28.57 0.96
N GLN B 216 -21.84 29.32 -0.09
CA GLN B 216 -20.50 29.88 -0.23
C GLN B 216 -20.24 30.93 0.83
N GLN B 217 -21.23 31.75 1.15
CA GLN B 217 -21.02 32.84 2.10
C GLN B 217 -20.77 32.31 3.51
N LEU B 218 -21.19 31.07 3.79
CA LEU B 218 -21.01 30.45 5.10
C LEU B 218 -19.80 29.51 5.04
N GLU B 219 -19.40 29.02 6.22
CA GLU B 219 -18.30 28.06 6.33
C GLU B 219 -18.76 26.65 5.99
N VAL B 220 -18.77 26.29 4.71
CA VAL B 220 -19.29 25.00 4.28
C VAL B 220 -18.16 24.29 3.52
N LYS B 221 -16.93 24.44 4.01
CA LYS B 221 -15.75 23.89 3.33
C LYS B 221 -15.76 22.37 3.47
N GLU B 222 -16.67 21.72 2.74
CA GLU B 222 -16.77 20.27 2.73
C GLU B 222 -17.66 19.86 1.56
N LYS B 223 -17.35 18.73 0.94
CA LYS B 223 -18.16 18.25 -0.18
C LYS B 223 -19.53 17.79 0.30
N ARG B 224 -19.57 16.76 1.14
CA ARG B 224 -20.83 16.25 1.65
C ARG B 224 -21.41 17.26 2.63
N VAL B 225 -22.53 17.88 2.24
CA VAL B 225 -23.16 18.90 3.05
C VAL B 225 -23.79 18.24 4.26
N ARG B 226 -23.18 18.42 5.43
CA ARG B 226 -23.66 17.79 6.66
C ARG B 226 -24.74 18.67 7.30
N ILE B 227 -25.71 19.02 6.47
CA ILE B 227 -26.90 19.76 6.89
C ILE B 227 -28.12 19.07 6.32
N CYS B 228 -29.12 18.87 7.15
CA CYS B 228 -30.28 18.08 6.77
C CYS B 228 -31.07 18.79 5.66
N PRO B 229 -31.85 18.05 4.86
CA PRO B 229 -32.59 18.67 3.75
C PRO B 229 -33.51 19.81 4.19
N ALA B 230 -33.53 20.88 3.41
CA ALA B 230 -34.37 22.04 3.74
C ALA B 230 -35.85 21.71 3.56
N ALA B 231 -36.20 21.01 2.48
CA ALA B 231 -37.58 20.66 2.21
C ALA B 231 -38.05 19.51 3.11
N ASP B 356 -32.50 23.61 -2.90
CA ASP B 356 -32.75 22.64 -3.96
C ASP B 356 -32.08 21.35 -3.58
N GLU B 357 -32.84 20.28 -3.56
CA GLU B 357 -32.30 18.98 -3.18
C GLU B 357 -31.66 18.28 -4.36
N LEU B 358 -32.01 18.70 -5.59
CA LEU B 358 -31.34 18.15 -6.76
C LEU B 358 -29.98 18.80 -6.75
N TYR B 359 -29.93 20.09 -6.42
CA TYR B 359 -28.64 20.76 -6.30
C TYR B 359 -27.81 20.09 -5.21
N ARG B 360 -28.48 19.63 -4.15
CA ARG B 360 -27.76 18.95 -3.07
C ARG B 360 -27.08 17.69 -3.58
N LYS B 361 -27.79 16.85 -4.33
CA LYS B 361 -27.14 15.68 -4.89
C LYS B 361 -26.05 16.08 -5.89
N TRP B 362 -26.24 17.20 -6.58
CA TRP B 362 -25.22 17.68 -7.51
C TRP B 362 -23.98 18.14 -6.77
N ARG B 363 -24.16 18.83 -5.64
CA ARG B 363 -23.03 19.33 -4.87
C ARG B 363 -22.17 18.22 -4.32
N ARG B 364 -22.79 17.26 -3.63
CA ARG B 364 -22.02 16.18 -3.02
C ARG B 364 -21.30 15.34 -4.07
N GLU B 365 -21.59 15.58 -5.35
CA GLU B 365 -20.97 14.78 -6.40
C GLU B 365 -20.02 15.61 -7.25
N TYR B 366 -20.52 16.67 -7.88
CA TYR B 366 -19.78 17.36 -8.94
C TYR B 366 -19.54 18.85 -8.65
N TRP B 367 -19.69 19.29 -7.41
CA TRP B 367 -19.37 20.68 -7.08
C TRP B 367 -17.88 20.96 -7.21
N ARG B 368 -17.05 20.13 -6.58
CA ARG B 368 -15.62 20.37 -6.52
C ARG B 368 -14.87 19.21 -7.14
N GLU B 369 -13.68 19.52 -7.65
CA GLU B 369 -12.86 18.52 -8.33
C GLU B 369 -12.37 17.49 -7.32
N PRO B 370 -11.96 16.32 -7.80
CA PRO B 370 -11.27 15.37 -6.92
C PRO B 370 -10.03 16.02 -6.32
N ARG B 371 -9.83 15.80 -5.01
CA ARG B 371 -8.79 16.49 -4.30
C ARG B 371 -7.40 16.05 -4.77
N LYS B 372 -6.49 17.00 -4.79
CA LYS B 372 -5.13 16.73 -5.21
C LYS B 372 -4.33 16.13 -4.06
N PRO B 373 -3.46 15.17 -4.32
CA PRO B 373 -2.66 14.58 -3.25
C PRO B 373 -1.74 15.59 -2.59
N VAL B 374 -1.60 15.50 -1.27
CA VAL B 374 -0.80 16.46 -0.51
C VAL B 374 0.58 15.85 -0.27
N PHE B 375 1.61 16.56 -0.72
CA PHE B 375 2.97 16.07 -0.59
C PHE B 375 3.49 16.25 0.83
N ARG B 376 4.43 15.38 1.21
CA ARG B 376 5.09 15.48 2.51
C ARG B 376 6.55 15.12 2.36
N TYR B 377 7.25 15.13 3.48
CA TYR B 377 8.67 14.85 3.53
C TYR B 377 8.97 13.76 4.56
N PRO B 378 10.14 13.14 4.52
CA PRO B 378 10.42 12.02 5.42
C PRO B 378 10.54 12.46 6.88
N SER B 379 9.41 12.62 7.55
CA SER B 379 9.37 13.01 8.95
C SER B 379 9.94 11.91 9.84
N VAL B 380 10.80 12.31 10.79
CA VAL B 380 11.46 11.36 11.72
C VAL B 380 10.45 10.89 12.78
N LYS B 381 9.34 11.60 12.89
CA LYS B 381 8.28 11.25 13.89
C LYS B 381 7.59 9.97 13.42
N ARG B 382 7.33 9.84 12.12
CA ARG B 382 6.67 8.64 11.54
C ARG B 382 7.75 7.66 11.07
N HIS B 383 7.34 6.62 10.33
CA HIS B 383 8.30 5.60 9.83
C HIS B 383 9.26 6.26 8.83
N SER B 384 8.74 7.14 7.97
CA SER B 384 9.55 7.85 6.94
C SER B 384 10.36 6.84 6.11
N ILE B 385 11.64 7.14 5.88
CA ILE B 385 12.53 6.24 5.07
C ILE B 385 13.48 5.50 6.01
N ALA B 386 14.36 4.67 5.44
CA ALA B 386 15.35 3.88 6.22
C ALA B 386 16.74 4.08 5.62
N LYS B 387 17.74 4.36 6.46
CA LYS B 387 19.09 4.59 5.98
C LYS B 387 19.67 3.30 5.41
N ILE B 388 20.38 3.40 4.29
CA ILE B 388 20.87 2.24 3.55
C ILE B 388 22.37 2.19 3.69
N PHE B 389 22.88 1.04 4.15
CA PHE B 389 24.31 0.77 4.21
C PHE B 389 24.64 -0.20 3.08
N GLY B 390 25.03 0.34 1.94
CA GLY B 390 25.22 -0.45 0.74
C GLY B 390 26.43 -1.35 0.80
N GLU B 391 27.01 -1.54 -0.37
CA GLU B 391 28.14 -2.42 -0.45
C GLU B 391 29.31 -1.86 0.27
N ASN B 392 30.17 -2.75 0.74
CA ASN B 392 31.41 -2.37 1.40
C ASN B 392 31.16 -1.56 2.66
N TYR B 393 29.93 -1.51 3.15
CA TYR B 393 29.59 -0.76 4.36
C TYR B 393 29.01 -1.62 5.47
N PHE B 394 28.65 -2.86 5.20
CA PHE B 394 28.11 -3.75 6.22
C PHE B 394 28.90 -5.04 6.23
N GLN B 395 29.01 -5.65 7.40
CA GLN B 395 29.74 -6.92 7.51
C GLN B 395 28.92 -7.91 8.34
N ALA B 396 27.89 -8.50 7.74
CA ALA B 396 27.01 -9.40 8.49
C ALA B 396 27.52 -10.84 8.62
N ASP B 397 27.50 -11.37 9.84
CA ASP B 397 27.93 -12.74 10.08
C ASP B 397 26.69 -13.53 10.44
N PHE B 398 26.64 -14.81 10.08
CA PHE B 398 25.43 -15.59 10.32
C PHE B 398 25.58 -16.79 11.26
N LYS B 399 26.68 -17.55 11.17
CA LYS B 399 26.92 -18.60 12.14
C LYS B 399 26.63 -18.11 13.55
N ASN B 400 27.12 -16.92 13.89
CA ASN B 400 26.69 -16.17 15.06
C ASN B 400 26.26 -14.79 14.60
N SER B 401 25.13 -14.33 15.12
CA SER B 401 24.43 -13.19 14.53
C SER B 401 25.03 -11.89 15.02
N VAL B 402 26.03 -11.38 14.29
CA VAL B 402 26.62 -10.07 14.56
C VAL B 402 26.83 -9.35 13.24
N VAL B 403 26.52 -8.05 13.20
CA VAL B 403 26.54 -7.27 11.97
C VAL B 403 27.51 -6.10 12.13
N GLY B 404 28.42 -5.97 11.16
CA GLY B 404 29.41 -4.89 11.14
C GLY B 404 28.99 -3.63 10.42
N LEU B 405 28.10 -2.84 10.99
CA LEU B 405 27.68 -1.59 10.36
C LEU B 405 28.80 -0.55 10.38
N ARG B 406 28.84 0.26 9.34
CA ARG B 406 29.87 1.28 9.17
C ARG B 406 29.20 2.62 8.89
N LEU B 407 29.60 3.65 9.61
CA LEU B 407 29.04 4.98 9.44
C LEU B 407 29.76 5.74 8.32
N ASP B 408 29.15 6.86 7.92
CA ASP B 408 29.66 7.60 6.78
C ASP B 408 31.06 8.13 7.03
N SER B 409 31.32 8.64 8.24
CA SER B 409 32.63 9.23 8.54
C SER B 409 33.69 8.16 8.77
N MET B 410 33.28 6.97 9.22
CA MET B 410 34.24 5.95 9.60
C MET B 410 35.02 5.47 8.38
N PRO B 411 36.32 5.22 8.51
CA PRO B 411 37.12 4.78 7.37
C PRO B 411 36.95 3.30 7.09
N ALA B 412 37.70 2.83 6.09
CA ALA B 412 37.64 1.44 5.69
C ALA B 412 38.21 0.54 6.79
N GLY B 413 37.64 -0.66 6.90
CA GLY B 413 38.11 -1.64 7.87
C GLY B 413 37.58 -1.47 9.28
N GLN B 414 36.77 -0.45 9.53
CA GLN B 414 36.20 -0.19 10.84
C GLN B 414 34.69 -0.34 10.77
N TYR B 415 34.11 -1.06 11.73
CA TYR B 415 32.69 -1.31 11.77
C TYR B 415 32.19 -1.16 13.20
N LEU B 416 30.88 -1.07 13.34
CA LEU B 416 30.21 -1.13 14.63
C LEU B 416 29.45 -2.44 14.73
N GLU B 417 29.98 -3.37 15.51
CA GLU B 417 29.35 -4.69 15.62
C GLU B 417 28.20 -4.66 16.62
N PHE B 418 27.07 -5.25 16.23
CA PHE B 418 25.93 -5.44 17.11
C PHE B 418 25.42 -6.86 16.96
N ALA B 419 24.78 -7.36 18.00
CA ALA B 419 24.09 -8.64 17.93
C ALA B 419 22.67 -8.40 17.43
N PHE B 420 22.14 -9.37 16.69
CA PHE B 420 20.78 -9.28 16.15
C PHE B 420 20.10 -10.62 16.24
N ALA B 421 18.78 -10.61 16.15
CA ALA B 421 18.00 -11.84 16.24
C ALA B 421 18.41 -12.80 15.12
N PRO B 422 18.70 -14.05 15.44
CA PRO B 422 19.27 -14.95 14.43
C PRO B 422 18.26 -15.31 13.36
N TRP B 423 18.80 -15.72 12.21
CA TRP B 423 17.96 -16.09 11.07
C TRP B 423 17.07 -17.28 11.44
N PRO B 424 15.77 -17.21 11.16
CA PRO B 424 14.89 -18.34 11.44
C PRO B 424 15.30 -19.57 10.65
N ARG B 425 15.21 -20.74 11.29
CA ARG B 425 15.59 -21.97 10.61
C ARG B 425 14.50 -22.44 9.64
N ASN B 426 13.23 -22.34 10.05
CA ASN B 426 12.14 -22.82 9.20
C ASN B 426 11.89 -21.89 8.02
N TYR B 427 12.33 -20.63 8.12
CA TYR B 427 12.15 -19.66 7.06
C TYR B 427 12.80 -20.16 5.78
N ARG B 428 12.04 -20.14 4.68
CA ARG B 428 12.43 -20.89 3.49
C ARG B 428 13.76 -20.43 2.90
N PRO B 429 14.00 -19.15 2.65
CA PRO B 429 15.32 -18.74 2.17
C PRO B 429 16.35 -18.84 3.29
N GLN B 430 17.61 -18.97 2.86
CA GLN B 430 18.72 -19.05 3.80
C GLN B 430 19.84 -18.14 3.29
N PRO B 431 20.75 -17.70 4.16
CA PRO B 431 21.86 -16.86 3.69
C PRO B 431 22.71 -17.50 2.62
N GLY B 432 22.87 -18.83 2.68
CA GLY B 432 23.66 -19.51 1.68
C GLY B 432 23.03 -19.45 0.30
N GLU B 433 21.69 -19.47 0.25
CA GLU B 433 21.00 -19.47 -1.04
C GLU B 433 21.30 -18.21 -1.83
N THR B 434 21.11 -17.04 -1.22
CA THR B 434 21.25 -15.76 -1.90
C THR B 434 22.02 -14.80 -1.01
N GLU B 435 23.00 -14.10 -1.59
CA GLU B 435 23.79 -13.16 -0.82
C GLU B 435 22.98 -11.90 -0.53
N ILE B 436 23.35 -11.23 0.56
CA ILE B 436 22.63 -10.04 1.02
C ILE B 436 23.11 -8.83 0.22
N SER B 437 22.19 -8.17 -0.46
CA SER B 437 22.56 -7.05 -1.32
C SER B 437 22.95 -5.82 -0.50
N SER B 438 22.16 -5.50 0.52
CA SER B 438 22.44 -4.33 1.35
C SER B 438 21.71 -4.48 2.67
N VAL B 439 21.98 -3.55 3.58
CA VAL B 439 21.40 -3.53 4.91
C VAL B 439 20.67 -2.21 5.10
N HIS B 440 19.42 -2.29 5.57
CA HIS B 440 18.56 -1.12 5.71
C HIS B 440 18.23 -0.94 7.19
N LEU B 441 18.56 0.23 7.73
CA LEU B 441 18.42 0.50 9.15
C LEU B 441 17.35 1.55 9.39
N HIS B 442 16.50 1.31 10.39
CA HIS B 442 15.48 2.26 10.81
C HIS B 442 15.16 2.06 12.28
N PHE B 443 14.50 3.05 12.86
CA PHE B 443 14.23 3.09 14.30
C PHE B 443 12.73 3.00 14.53
N VAL B 444 12.33 2.09 15.42
CA VAL B 444 10.97 2.07 15.96
C VAL B 444 11.06 2.41 17.44
N GLY B 445 10.24 3.35 17.87
CA GLY B 445 10.40 3.87 19.22
C GLY B 445 11.75 4.52 19.34
N THR B 446 12.65 3.88 20.09
CA THR B 446 14.03 4.29 20.20
C THR B 446 14.99 3.15 19.87
N ARG B 447 14.49 1.91 19.83
CA ARG B 447 15.30 0.71 19.60
C ARG B 447 15.57 0.53 18.13
N PRO B 448 16.83 0.36 17.73
CA PRO B 448 17.16 0.19 16.31
C PRO B 448 16.77 -1.18 15.79
N ARG B 449 16.48 -1.24 14.49
CA ARG B 449 16.23 -2.47 13.77
C ARG B 449 17.02 -2.43 12.47
N ILE B 450 17.35 -3.62 11.95
CA ILE B 450 18.08 -3.73 10.71
C ILE B 450 17.29 -4.60 9.74
N GLY B 451 17.45 -4.30 8.46
CA GLY B 451 16.79 -5.07 7.42
C GLY B 451 17.78 -5.61 6.40
N PHE B 452 17.72 -6.91 6.13
CA PHE B 452 18.60 -7.54 5.16
C PHE B 452 17.86 -7.66 3.83
N ARG B 453 18.50 -7.19 2.76
CA ARG B 453 17.91 -7.19 1.43
C ARG B 453 18.61 -8.23 0.58
N PHE B 454 17.85 -9.20 0.08
CA PHE B 454 18.38 -10.25 -0.76
C PHE B 454 17.51 -10.39 -1.99
N ARG B 455 17.97 -11.20 -2.95
CA ARG B 455 17.27 -11.41 -4.20
C ARG B 455 16.60 -12.77 -4.20
N VAL B 456 15.34 -12.82 -4.64
CA VAL B 456 14.62 -14.08 -4.80
C VAL B 456 13.93 -14.07 -6.17
N PRO B 457 14.22 -15.02 -7.05
CA PRO B 457 13.63 -14.98 -8.40
C PRO B 457 12.14 -15.24 -8.37
N HIS B 458 11.42 -14.61 -9.31
CA HIS B 458 10.01 -14.85 -9.49
C HIS B 458 9.77 -16.08 -10.38
N LYS B 459 8.57 -16.62 -10.27
CA LYS B 459 8.14 -17.75 -11.10
C LYS B 459 7.33 -17.23 -12.27
N ARG B 460 7.59 -17.77 -13.46
CA ARG B 460 6.87 -17.34 -14.65
C ARG B 460 5.44 -17.85 -14.62
N SER B 461 4.49 -16.93 -14.79
CA SER B 461 3.09 -17.31 -14.80
C SER B 461 2.70 -17.84 -16.17
N ARG B 462 1.74 -18.77 -16.17
CA ARG B 462 1.22 -19.39 -17.42
C ARG B 462 0.59 -18.29 -18.28
N PHE B 463 0.24 -17.16 -17.67
CA PHE B 463 -0.38 -16.02 -18.38
C PHE B 463 0.70 -15.28 -19.19
N ASP B 464 0.28 -14.55 -20.23
CA ASP B 464 1.23 -13.80 -21.09
C ASP B 464 1.14 -12.30 -20.78
N CYS B 465 0.62 -11.97 -19.59
CA CYS B 465 0.47 -10.54 -19.17
C CYS B 465 1.14 -10.34 -17.81
N THR B 466 1.09 -9.12 -17.27
CA THR B 466 1.70 -8.80 -15.96
C THR B 466 0.62 -8.35 -14.98
N GLN B 467 0.94 -8.33 -13.68
CA GLN B 467 -0.03 -7.90 -12.63
C GLN B 467 -0.17 -6.37 -12.67
N GLU B 468 0.92 -5.67 -12.99
CA GLU B 468 0.92 -4.22 -13.05
C GLU B 468 -0.13 -3.71 -14.03
N GLU B 469 -0.31 -4.38 -15.16
CA GLU B 469 -1.34 -3.98 -16.11
C GLU B 469 -2.74 -4.11 -15.50
N LEU B 470 -2.97 -5.21 -14.78
CA LEU B 470 -4.28 -5.42 -14.16
C LEU B 470 -4.56 -4.35 -13.12
N ASP B 471 -3.55 -3.95 -12.36
CA ASP B 471 -3.73 -2.84 -11.42
C ASP B 471 -3.94 -1.53 -12.17
N GLU B 472 -3.25 -1.36 -13.30
CA GLU B 472 -3.32 -0.13 -14.07
C GLU B 472 -4.72 0.11 -14.60
N LEU B 473 -5.39 -0.96 -15.06
CA LEU B 473 -6.75 -0.81 -15.55
C LEU B 473 -7.63 -0.11 -14.52
N ARG B 474 -7.65 -0.62 -13.30
CA ARG B 474 -8.49 -0.03 -12.26
C ARG B 474 -7.99 1.34 -11.83
N SER B 475 -6.67 1.51 -11.70
CA SER B 475 -6.16 2.75 -11.16
C SER B 475 -6.39 3.91 -12.12
N ARG B 476 -6.11 3.71 -13.40
CA ARG B 476 -6.14 4.78 -14.39
C ARG B 476 -7.29 4.65 -15.38
N THR B 477 -7.46 3.50 -16.00
CA THR B 477 -8.37 3.41 -17.14
C THR B 477 -9.82 3.55 -16.70
N PHE B 478 -10.19 2.92 -15.59
CA PHE B 478 -11.57 2.97 -15.07
C PHE B 478 -11.55 3.30 -13.58
N PRO B 479 -11.32 4.59 -13.19
CA PRO B 479 -11.24 4.77 -11.72
C PRO B 479 -12.49 5.28 -11.01
N ARG B 480 -13.68 4.99 -11.53
CA ARG B 480 -14.90 5.52 -10.94
C ARG B 480 -15.88 4.44 -10.50
N LYS B 481 -17.09 4.84 -10.12
CA LYS B 481 -18.09 3.89 -9.65
C LYS B 481 -18.92 3.32 -10.79
N ALA B 482 -18.98 4.01 -11.92
CA ALA B 482 -19.67 3.46 -13.06
C ALA B 482 -18.60 2.75 -13.85
N GLN B 483 -17.36 3.14 -13.62
CA GLN B 483 -16.24 2.54 -14.30
C GLN B 483 -15.90 1.17 -13.66
N ASP B 484 -16.82 0.48 -12.95
CA ASP B 484 -16.39 -0.79 -12.38
C ASP B 484 -16.76 -1.96 -13.29
N GLN B 485 -17.97 -1.93 -13.85
CA GLN B 485 -18.39 -2.97 -14.79
C GLN B 485 -17.47 -3.02 -16.01
N LYS B 486 -17.14 -1.86 -16.57
CA LYS B 486 -16.23 -1.81 -17.70
C LYS B 486 -14.85 -2.33 -17.31
N PHE B 487 -14.38 -1.97 -16.12
CA PHE B 487 -13.09 -2.47 -15.66
C PHE B 487 -13.10 -3.99 -15.56
N LEU B 488 -14.16 -4.55 -14.98
CA LEU B 488 -14.23 -6.00 -14.83
C LEU B 488 -14.31 -6.69 -16.17
N GLU B 489 -15.10 -6.14 -17.10
CA GLU B 489 -15.20 -6.74 -18.43
C GLU B 489 -13.86 -6.69 -19.15
N ALA B 490 -13.17 -5.55 -19.08
CA ALA B 490 -11.87 -5.42 -19.72
C ALA B 490 -10.86 -6.37 -19.11
N ALA B 491 -10.86 -6.51 -17.78
CA ALA B 491 -9.94 -7.42 -17.12
C ALA B 491 -10.22 -8.86 -17.54
N ARG B 492 -11.49 -9.25 -17.59
CA ARG B 492 -11.85 -10.60 -17.99
C ARG B 492 -11.39 -10.88 -19.42
N LYS B 493 -11.65 -9.94 -20.32
CA LYS B 493 -11.23 -10.10 -21.69
C LYS B 493 -9.73 -10.25 -21.75
N ARG B 494 -9.00 -9.33 -21.13
CA ARG B 494 -7.55 -9.33 -21.17
C ARG B 494 -6.99 -10.65 -20.67
N LEU B 495 -7.55 -11.17 -19.58
CA LEU B 495 -7.10 -12.44 -19.05
C LEU B 495 -7.39 -13.58 -20.03
N LEU B 496 -8.59 -13.59 -20.60
CA LEU B 496 -8.97 -14.70 -21.49
C LEU B 496 -8.13 -14.71 -22.75
N GLU B 497 -7.87 -13.54 -23.34
CA GLU B 497 -7.11 -13.52 -24.59
C GLU B 497 -5.65 -13.85 -24.36
N THR B 498 -5.14 -13.59 -23.16
CA THR B 498 -3.72 -13.84 -22.88
C THR B 498 -3.46 -15.30 -22.57
N PHE B 499 -4.50 -16.06 -22.27
CA PHE B 499 -4.33 -17.48 -21.93
C PHE B 499 -3.81 -18.24 -23.15
N PRO B 500 -2.83 -19.13 -22.97
CA PRO B 500 -2.30 -19.87 -24.14
C PRO B 500 -3.32 -20.80 -24.79
N GLY B 501 -3.92 -21.71 -24.02
CA GLY B 501 -4.86 -22.67 -24.57
C GLY B 501 -6.29 -22.17 -24.56
N ASN B 502 -7.21 -23.01 -24.10
CA ASN B 502 -8.62 -22.64 -23.98
C ASN B 502 -8.86 -22.20 -22.54
N ALA B 503 -9.06 -20.90 -22.35
CA ALA B 503 -9.22 -20.36 -21.00
C ALA B 503 -10.50 -20.88 -20.35
N GLU B 504 -11.58 -20.98 -21.12
CA GLU B 504 -12.85 -21.40 -20.53
C GLU B 504 -12.79 -22.84 -20.01
N GLN B 505 -12.15 -23.73 -20.75
CA GLN B 505 -12.10 -25.13 -20.31
C GLN B 505 -11.17 -25.32 -19.13
N GLU B 506 -10.03 -24.62 -19.11
CA GLU B 506 -9.01 -24.81 -18.08
C GLU B 506 -8.49 -23.45 -17.60
N LEU B 507 -9.12 -22.91 -16.56
CA LEU B 507 -8.62 -21.74 -15.87
C LEU B 507 -8.81 -21.97 -14.37
N ARG B 508 -7.75 -22.43 -13.72
CA ARG B 508 -7.81 -22.83 -12.32
C ARG B 508 -8.05 -21.58 -11.49
N LEU B 509 -9.24 -21.47 -10.91
CA LEU B 509 -9.69 -20.26 -10.22
C LEU B 509 -10.02 -20.60 -8.78
N LEU B 510 -9.72 -19.67 -7.87
CA LEU B 510 -9.94 -19.85 -6.45
C LEU B 510 -10.52 -18.56 -5.88
N ALA B 511 -11.82 -18.55 -5.64
CA ALA B 511 -12.52 -17.37 -5.14
C ALA B 511 -12.59 -17.45 -3.62
N VAL B 512 -11.83 -16.60 -2.94
CA VAL B 512 -11.79 -16.61 -1.48
C VAL B 512 -12.54 -15.45 -0.89
N ALA B 513 -13.47 -15.73 0.02
CA ALA B 513 -14.14 -14.64 0.72
C ALA B 513 -13.52 -14.55 2.10
N LEU B 514 -13.61 -13.38 2.74
CA LEU B 514 -12.99 -13.21 4.04
C LEU B 514 -14.03 -12.80 5.09
N GLY B 515 -14.45 -13.77 5.90
CA GLY B 515 -15.43 -13.48 6.94
C GLY B 515 -14.78 -13.22 8.29
N THR B 516 -15.60 -13.19 9.34
CA THR B 516 -15.07 -12.91 10.68
C THR B 516 -14.56 -14.18 11.33
N ASP B 517 -15.46 -14.95 11.93
CA ASP B 517 -15.08 -16.17 12.60
C ASP B 517 -14.52 -17.18 11.62
N SER B 518 -15.19 -17.34 10.49
CA SER B 518 -14.75 -18.34 9.54
C SER B 518 -14.56 -17.81 8.12
N ALA B 519 -14.04 -18.65 7.24
CA ALA B 519 -13.80 -18.30 5.85
C ALA B 519 -13.62 -19.58 5.05
N ARG B 520 -14.13 -19.57 3.82
CA ARG B 520 -13.99 -20.69 2.91
C ARG B 520 -13.69 -20.16 1.52
N ALA B 521 -13.04 -21.00 0.71
CA ALA B 521 -12.65 -20.64 -0.64
C ALA B 521 -13.16 -21.68 -1.61
N ALA B 522 -13.82 -21.25 -2.68
CA ALA B 522 -14.26 -22.14 -3.73
C ALA B 522 -13.13 -22.40 -4.71
N PHE B 523 -13.32 -23.42 -5.54
CA PHE B 523 -12.32 -23.80 -6.54
C PHE B 523 -13.01 -24.06 -7.87
N PHE B 524 -12.51 -23.43 -8.93
CA PHE B 524 -13.06 -23.56 -10.28
C PHE B 524 -11.94 -23.97 -11.21
N ILE B 525 -12.20 -24.94 -12.08
CA ILE B 525 -11.24 -25.24 -13.15
C ILE B 525 -11.70 -24.62 -14.46
N GLY B 526 -12.96 -24.84 -14.82
CA GLY B 526 -13.45 -24.48 -16.13
C GLY B 526 -14.80 -23.81 -16.14
N LYS B 527 -15.08 -23.00 -15.12
CA LYS B 527 -16.36 -22.35 -14.82
C LYS B 527 -17.25 -23.35 -14.09
N THR B 528 -16.76 -24.54 -13.79
CA THR B 528 -17.51 -25.56 -13.07
C THR B 528 -17.01 -25.63 -11.64
N PHE B 529 -17.91 -25.47 -10.69
CA PHE B 529 -17.54 -25.55 -9.28
C PHE B 529 -17.08 -26.96 -8.94
N GLN B 530 -15.94 -27.07 -8.27
CA GLN B 530 -15.44 -28.38 -7.87
C GLN B 530 -15.72 -28.65 -6.40
N GLN B 531 -15.20 -27.81 -5.51
CA GLN B 531 -15.35 -28.03 -4.08
C GLN B 531 -14.96 -26.75 -3.35
N ALA B 532 -15.43 -26.64 -2.11
CA ALA B 532 -15.11 -25.52 -1.24
C ALA B 532 -14.24 -26.00 -0.08
N PHE B 533 -13.15 -25.26 0.18
CA PHE B 533 -12.19 -25.62 1.21
C PHE B 533 -12.33 -24.71 2.42
N PRO B 534 -12.26 -25.24 3.63
CA PRO B 534 -12.19 -24.39 4.81
C PRO B 534 -10.77 -23.92 5.08
N LEU B 535 -10.66 -22.78 5.75
CA LEU B 535 -9.38 -22.20 6.13
C LEU B 535 -9.33 -22.01 7.65
N LYS B 536 -8.22 -22.41 8.25
CA LYS B 536 -8.03 -22.29 9.69
C LYS B 536 -7.45 -20.91 9.99
N ILE B 537 -8.28 -20.02 10.52
CA ILE B 537 -7.89 -18.63 10.75
C ILE B 537 -8.22 -18.12 12.13
N VAL B 538 -8.71 -18.97 13.04
CA VAL B 538 -8.89 -18.57 14.44
C VAL B 538 -7.67 -19.08 15.20
N LYS B 539 -6.90 -18.17 15.76
CA LYS B 539 -5.64 -18.50 16.42
C LYS B 539 -5.84 -18.49 17.93
N ILE B 540 -5.76 -19.68 18.53
CA ILE B 540 -5.86 -19.90 19.97
C ILE B 540 -4.63 -20.73 20.29
N GLU B 541 -4.59 -21.34 21.49
CA GLU B 541 -3.48 -22.22 21.83
C GLU B 541 -3.08 -23.14 20.67
N LYS B 542 -4.02 -23.47 19.80
CA LYS B 542 -3.74 -24.19 18.56
C LYS B 542 -4.60 -23.56 17.47
N LEU B 543 -4.29 -23.85 16.21
CA LEU B 543 -5.05 -23.34 15.08
C LEU B 543 -6.31 -24.19 14.87
N TYR B 544 -7.46 -23.52 14.74
CA TYR B 544 -8.73 -24.18 14.48
C TYR B 544 -9.40 -23.49 13.30
N GLU B 545 -10.49 -24.09 12.81
CA GLU B 545 -11.23 -23.48 11.70
C GLU B 545 -12.42 -22.67 12.20
N GLN B 546 -12.84 -22.90 13.43
CA GLN B 546 -14.01 -22.23 14.00
C GLN B 546 -13.79 -22.01 15.49
N TRP B 547 -14.46 -20.99 16.02
CA TRP B 547 -14.35 -20.69 17.45
C TRP B 547 -14.97 -21.80 18.29
N PRO B 548 -14.21 -22.42 19.18
CA PRO B 548 -14.80 -23.42 20.07
C PRO B 548 -15.75 -22.78 21.07
N ASN B 549 -16.75 -23.55 21.49
CA ASN B 549 -17.72 -23.10 22.47
C ASN B 549 -17.43 -23.70 23.83
N GLN B 563 -15.60 -14.40 29.24
CA GLN B 563 -16.31 -13.88 28.07
C GLN B 563 -15.38 -13.48 26.91
N PRO B 564 -14.33 -12.70 27.16
CA PRO B 564 -13.43 -12.35 26.05
C PRO B 564 -12.73 -13.59 25.50
N ARG B 565 -12.84 -13.80 24.20
CA ARG B 565 -12.23 -14.98 23.58
C ARG B 565 -10.71 -14.95 23.69
N PRO B 566 -10.14 -16.02 24.26
CA PRO B 566 -8.68 -16.07 24.30
C PRO B 566 -8.12 -16.28 22.91
N GLY B 567 -7.00 -15.63 22.61
CA GLY B 567 -6.43 -15.75 21.29
C GLY B 567 -6.54 -14.48 20.51
N LEU B 568 -6.03 -14.47 19.29
CA LEU B 568 -6.15 -13.31 18.43
C LEU B 568 -7.61 -13.13 18.05
N SER B 569 -8.31 -12.26 18.76
CA SER B 569 -9.73 -12.08 18.50
C SER B 569 -10.09 -10.61 18.60
N ARG B 570 -11.32 -10.26 18.24
CA ARG B 570 -11.76 -8.88 18.35
C ARG B 570 -11.71 -8.44 19.80
N ASP B 571 -12.06 -9.34 20.71
CA ASP B 571 -12.05 -9.03 22.13
C ASP B 571 -10.66 -8.63 22.61
N HIS B 572 -9.65 -9.41 22.23
CA HIS B 572 -8.28 -9.10 22.62
C HIS B 572 -7.89 -7.70 22.17
N VAL B 573 -8.09 -7.41 20.89
CA VAL B 573 -7.75 -6.10 20.36
C VAL B 573 -8.56 -4.99 21.04
N GLY B 574 -9.85 -5.22 21.23
CA GLY B 574 -10.71 -4.22 21.85
C GLY B 574 -10.43 -3.95 23.31
N ARG B 575 -9.87 -4.92 24.02
CA ARG B 575 -9.53 -4.72 25.42
C ARG B 575 -8.36 -3.74 25.53
N HIS B 576 -7.48 -3.75 24.54
CA HIS B 576 -6.35 -2.85 24.54
C HIS B 576 -6.81 -1.47 24.10
N LEU B 577 -7.83 -1.41 23.26
CA LEU B 577 -8.38 -0.13 22.84
C LEU B 577 -9.06 0.57 24.00
N GLN B 578 -9.68 -0.20 24.88
CA GLN B 578 -10.34 0.37 26.03
C GLN B 578 -9.31 0.83 27.05
N LYS B 579 -8.25 0.05 27.23
CA LYS B 579 -7.18 0.44 28.14
C LYS B 579 -6.67 1.81 27.72
N MET B 580 -6.49 2.00 26.42
CA MET B 580 -6.01 3.28 25.89
C MET B 580 -7.01 4.39 26.17
N ARG B 581 -8.30 4.12 25.97
CA ARG B 581 -9.32 5.14 26.18
C ARG B 581 -9.42 5.53 27.65
N ALA B 582 -9.12 4.60 28.55
CA ALA B 582 -9.12 4.90 29.98
C ALA B 582 -7.80 5.47 30.48
N GLN B 583 -6.73 5.39 29.68
CA GLN B 583 -5.42 5.85 30.12
C GLN B 583 -5.02 7.20 29.55
N ALA B 584 -5.54 7.59 28.39
CA ALA B 584 -5.19 8.90 27.84
C ALA B 584 -5.85 10.07 28.56
N SER B 585 -6.96 9.80 29.24
CA SER B 585 -7.67 10.84 29.96
C SER B 585 -6.76 11.52 30.97
N GLU B 586 -6.19 10.75 31.89
CA GLU B 586 -5.35 11.32 32.94
C GLU B 586 -4.13 12.02 32.35
N ILE B 587 -3.63 11.53 31.22
CA ILE B 587 -2.58 12.25 30.50
C ILE B 587 -3.06 13.64 30.12
N ALA B 588 -4.28 13.73 29.60
CA ALA B 588 -4.84 15.03 29.24
C ALA B 588 -4.94 15.95 30.45
N GLN B 589 -5.46 15.45 31.57
CA GLN B 589 -5.61 16.30 32.75
C GLN B 589 -4.25 16.75 33.29
N LYS B 590 -3.27 15.85 33.30
CA LYS B 590 -1.95 16.19 33.82
C LYS B 590 -1.26 17.22 32.94
N ARG B 591 -1.51 17.14 31.64
CA ARG B 591 -0.92 18.12 30.73
C ARG B 591 -1.60 19.46 30.93
N GLN B 592 -2.88 19.45 31.24
CA GLN B 592 -3.60 20.68 31.50
C GLN B 592 -3.04 21.29 32.79
N GLU B 593 -2.77 20.44 33.78
CA GLU B 593 -2.23 20.92 35.05
C GLU B 593 -0.86 21.53 34.82
N LEU B 594 -0.06 20.91 33.96
CA LEU B 594 1.26 21.44 33.64
C LEU B 594 1.12 22.82 33.01
N THR B 595 0.21 22.94 32.05
CA THR B 595 0.02 24.22 31.36
C THR B 595 -1.05 25.08 32.02
N LEU B 613 -3.88 14.16 21.35
CA LEU B 613 -2.76 13.26 21.63
C LEU B 613 -1.58 13.53 20.71
N GLN B 614 -0.47 12.86 20.98
CA GLN B 614 0.74 13.01 20.19
C GLN B 614 1.20 11.63 19.75
N PRO B 615 1.98 11.51 18.67
CA PRO B 615 2.35 10.16 18.22
C PRO B 615 3.50 9.57 19.03
N PHE B 616 3.44 9.77 20.34
CA PHE B 616 4.33 9.03 21.24
C PHE B 616 3.67 8.70 22.57
N ASP B 617 2.37 8.90 22.74
CA ASP B 617 1.79 8.87 24.07
C ASP B 617 1.73 7.47 24.65
N LEU B 618 0.93 6.58 24.07
CA LEU B 618 0.92 5.18 24.52
C LEU B 618 1.75 4.31 23.56
N ARG B 619 3.05 4.58 23.56
CA ARG B 619 3.91 4.14 22.46
C ARG B 619 4.22 2.65 22.51
N GLY B 620 3.98 1.97 23.62
CA GLY B 620 4.17 0.53 23.66
C GLY B 620 2.90 -0.23 23.36
N LEU B 621 1.79 0.23 23.94
CA LEU B 621 0.51 -0.44 23.73
C LEU B 621 0.09 -0.38 22.27
N THR B 622 0.29 0.77 21.62
CA THR B 622 -0.08 0.91 20.22
C THR B 622 0.81 0.06 19.31
N VAL B 623 2.11 0.01 19.57
CA VAL B 623 2.98 -0.81 18.73
C VAL B 623 2.65 -2.29 18.93
N HIS B 624 2.28 -2.68 20.14
CA HIS B 624 1.83 -4.06 20.38
C HIS B 624 0.56 -4.37 19.58
N THR B 625 -0.41 -3.45 19.61
CA THR B 625 -1.65 -3.66 18.88
C THR B 625 -1.41 -3.75 17.38
N ALA B 626 -0.52 -2.90 16.86
CA ALA B 626 -0.19 -2.95 15.44
C ALA B 626 0.45 -4.28 15.07
N ARG B 627 1.37 -4.77 15.91
CA ARG B 627 1.99 -6.06 15.64
C ARG B 627 0.95 -7.18 15.66
N MET B 628 -0.01 -7.10 16.58
CA MET B 628 -1.09 -8.08 16.62
C MET B 628 -1.88 -8.09 15.31
N ILE B 629 -2.29 -6.91 14.85
CA ILE B 629 -3.10 -6.83 13.64
C ILE B 629 -2.33 -7.35 12.42
N ARG B 630 -1.06 -6.98 12.31
CA ARG B 630 -0.30 -7.42 11.16
C ARG B 630 -0.04 -8.91 11.24
N ASP B 631 0.07 -9.49 12.44
CA ASP B 631 0.24 -10.93 12.57
C ASP B 631 -1.01 -11.64 12.08
N TRP B 632 -2.19 -11.10 12.42
CA TRP B 632 -3.44 -11.66 11.91
C TRP B 632 -3.48 -11.62 10.39
N ALA B 633 -3.09 -10.49 9.80
CA ALA B 633 -3.07 -10.39 8.34
C ALA B 633 -2.10 -11.38 7.72
N ARG B 634 -0.93 -11.58 8.34
CA ARG B 634 0.05 -12.53 7.83
C ARG B 634 -0.51 -13.94 7.87
N LEU B 635 -1.19 -14.28 8.95
CA LEU B 635 -1.83 -15.59 9.05
C LEU B 635 -2.80 -15.82 7.89
N ASN B 636 -3.66 -14.83 7.64
CA ASN B 636 -4.63 -14.98 6.55
C ASN B 636 -3.94 -15.16 5.21
N ALA B 637 -2.92 -14.34 4.94
CA ALA B 637 -2.26 -14.38 3.65
C ALA B 637 -1.59 -15.73 3.42
N ARG B 638 -0.86 -16.23 4.43
CA ARG B 638 -0.16 -17.49 4.23
C ARG B 638 -1.13 -18.65 4.10
N GLN B 639 -2.24 -18.62 4.85
CA GLN B 639 -3.24 -19.68 4.70
C GLN B 639 -3.79 -19.69 3.27
N ILE B 640 -4.10 -18.52 2.73
CA ILE B 640 -4.62 -18.45 1.37
C ILE B 640 -3.61 -18.97 0.36
N ILE B 641 -2.35 -18.56 0.53
CA ILE B 641 -1.30 -18.98 -0.39
C ILE B 641 -1.15 -20.50 -0.38
N GLN B 642 -1.20 -21.09 0.81
CA GLN B 642 -1.08 -22.53 0.91
C GLN B 642 -2.24 -23.24 0.25
N LEU B 643 -3.46 -22.73 0.45
CA LEU B 643 -4.61 -23.34 -0.21
C LEU B 643 -4.48 -23.25 -1.73
N ALA B 644 -4.00 -22.11 -2.23
CA ALA B 644 -3.82 -21.95 -3.67
C ALA B 644 -2.76 -22.91 -4.20
N GLU B 645 -1.65 -23.07 -3.48
CA GLU B 645 -0.60 -23.98 -3.92
C GLU B 645 -1.03 -25.44 -3.85
N GLU B 646 -2.00 -25.76 -2.98
CA GLU B 646 -2.41 -27.15 -2.82
C GLU B 646 -2.94 -27.73 -4.13
N ASN B 647 -3.71 -26.95 -4.90
CA ASN B 647 -4.38 -27.45 -6.09
C ASN B 647 -4.10 -26.51 -7.28
N GLN B 648 -2.83 -26.12 -7.44
CA GLN B 648 -2.30 -25.47 -8.64
C GLN B 648 -3.20 -24.40 -9.25
N VAL B 649 -3.49 -23.34 -8.52
CA VAL B 649 -4.37 -22.28 -9.00
C VAL B 649 -3.57 -21.30 -9.84
N ASP B 650 -4.27 -20.62 -10.77
CA ASP B 650 -3.69 -19.55 -11.56
C ASP B 650 -4.34 -18.20 -11.32
N LEU B 651 -5.45 -18.16 -10.59
CA LEU B 651 -6.17 -16.91 -10.40
C LEU B 651 -6.87 -16.94 -9.05
N ILE B 652 -6.66 -15.91 -8.24
CA ILE B 652 -7.33 -15.76 -6.95
C ILE B 652 -8.28 -14.57 -7.04
N VAL B 653 -9.51 -14.78 -6.58
CA VAL B 653 -10.55 -13.75 -6.64
C VAL B 653 -10.77 -13.20 -5.24
N LEU B 654 -10.71 -11.87 -5.11
CA LEU B 654 -10.90 -11.17 -3.85
C LEU B 654 -11.84 -9.99 -4.05
N GLU B 655 -12.51 -9.60 -2.96
CA GLU B 655 -13.38 -8.44 -2.95
C GLU B 655 -12.62 -7.21 -2.48
N SER B 656 -13.36 -6.12 -2.25
CA SER B 656 -12.78 -4.86 -1.80
C SER B 656 -13.35 -4.43 -0.46
N LEU B 657 -13.38 -5.34 0.51
CA LEU B 657 -13.86 -4.99 1.84
C LEU B 657 -12.89 -4.03 2.51
N ARG B 658 -13.42 -3.10 3.30
CA ARG B 658 -12.56 -2.14 3.99
C ARG B 658 -11.89 -2.83 5.15
N GLY B 659 -12.67 -3.60 5.92
CA GLY B 659 -12.12 -4.24 7.09
C GLY B 659 -13.16 -4.32 8.19
N PHE B 660 -12.75 -4.91 9.31
CA PHE B 660 -13.65 -5.03 10.46
C PHE B 660 -13.14 -4.12 11.55
N ARG B 661 -14.00 -3.82 12.51
CA ARG B 661 -13.62 -2.98 13.63
C ARG B 661 -13.83 -3.71 14.96
N PRO B 662 -12.97 -3.48 15.94
CA PRO B 662 -13.12 -4.10 17.25
C PRO B 662 -14.17 -3.37 18.09
N PRO B 663 -14.61 -3.96 19.21
CA PRO B 663 -15.68 -3.32 20.00
C PRO B 663 -15.34 -1.92 20.50
N GLY B 664 -14.09 -1.64 20.83
CA GLY B 664 -13.73 -0.33 21.33
C GLY B 664 -13.35 0.68 20.26
N TYR B 665 -13.53 0.35 18.98
CA TYR B 665 -13.14 1.26 17.92
C TYR B 665 -13.97 2.54 17.95
N GLU B 666 -15.28 2.42 18.16
CA GLU B 666 -16.16 3.58 18.04
C GLU B 666 -16.05 4.54 19.22
N ASN B 667 -15.72 4.04 20.41
CA ASN B 667 -15.67 4.89 21.60
C ASN B 667 -14.38 5.70 21.65
N LEU B 668 -13.41 5.42 20.79
CA LEU B 668 -12.16 6.16 20.70
C LEU B 668 -12.10 6.96 19.39
N ASP B 669 -13.22 7.56 18.99
CA ASP B 669 -13.28 8.25 17.72
C ASP B 669 -12.52 9.57 17.79
N GLN B 670 -12.48 10.28 16.65
CA GLN B 670 -11.87 11.59 16.47
C GLN B 670 -10.34 11.53 16.53
N GLU B 671 -9.75 10.38 16.81
CA GLU B 671 -8.30 10.23 16.90
C GLU B 671 -7.80 9.26 15.84
N LYS B 672 -6.67 9.60 15.23
CA LYS B 672 -6.02 8.68 14.30
C LYS B 672 -5.35 7.53 15.06
N LYS B 673 -5.24 7.66 16.38
CA LYS B 673 -4.63 6.62 17.20
C LYS B 673 -5.41 5.31 17.12
N ARG B 674 -6.75 5.40 17.07
CA ARG B 674 -7.58 4.21 17.02
C ARG B 674 -7.38 3.41 15.74
N ARG B 675 -6.80 4.01 14.69
CA ARG B 675 -6.58 3.29 13.44
C ARG B 675 -5.58 2.15 13.59
N VAL B 676 -4.84 2.10 14.71
CA VAL B 676 -3.89 1.01 14.91
C VAL B 676 -4.62 -0.32 15.05
N ALA B 677 -5.89 -0.29 15.44
CA ALA B 677 -6.66 -1.49 15.74
C ALA B 677 -7.68 -1.83 14.65
N PHE B 678 -7.59 -1.23 13.47
CA PHE B 678 -8.47 -1.58 12.37
C PHE B 678 -7.92 -2.80 11.66
N PHE B 679 -8.79 -3.75 11.32
CA PHE B 679 -8.33 -5.08 10.93
C PHE B 679 -7.74 -5.10 9.52
N ALA B 680 -7.95 -4.05 8.73
CA ALA B 680 -7.18 -3.83 7.50
C ALA B 680 -7.28 -4.96 6.48
N HIS B 681 -8.47 -5.18 5.92
CA HIS B 681 -8.61 -6.14 4.82
C HIS B 681 -7.65 -5.82 3.67
N GLY B 682 -7.42 -4.53 3.42
CA GLY B 682 -6.50 -4.14 2.37
C GLY B 682 -5.09 -4.65 2.59
N ARG B 683 -4.66 -4.74 3.85
CA ARG B 683 -3.34 -5.29 4.13
C ARG B 683 -3.27 -6.76 3.71
N ILE B 684 -4.34 -7.51 3.96
CA ILE B 684 -4.41 -8.88 3.46
C ILE B 684 -4.31 -8.90 1.96
N ARG B 685 -5.02 -8.01 1.28
CA ARG B 685 -4.99 -8.00 -0.19
C ARG B 685 -3.59 -7.73 -0.71
N ARG B 686 -2.90 -6.74 -0.13
CA ARG B 686 -1.53 -6.45 -0.56
C ARG B 686 -0.60 -7.62 -0.32
N LYS B 687 -0.68 -8.24 0.86
CA LYS B 687 0.20 -9.37 1.15
C LYS B 687 -0.07 -10.53 0.21
N VAL B 688 -1.35 -10.84 -0.04
CA VAL B 688 -1.72 -11.93 -0.93
C VAL B 688 -1.21 -11.65 -2.34
N THR B 689 -1.37 -10.41 -2.81
CA THR B 689 -0.94 -10.06 -4.15
C THR B 689 0.57 -10.21 -4.29
N GLU B 690 1.32 -9.73 -3.30
CA GLU B 690 2.78 -9.85 -3.36
C GLU B 690 3.20 -11.31 -3.38
N LYS B 691 2.63 -12.12 -2.50
CA LYS B 691 3.03 -13.52 -2.42
C LYS B 691 2.56 -14.32 -3.63
N ALA B 692 1.46 -13.90 -4.26
CA ALA B 692 0.98 -14.59 -5.47
C ALA B 692 1.83 -14.24 -6.68
N VAL B 693 2.15 -12.96 -6.86
CA VAL B 693 3.05 -12.58 -7.95
C VAL B 693 4.41 -13.24 -7.75
N GLU B 694 4.76 -13.52 -6.49
CA GLU B 694 5.97 -14.27 -6.20
C GLU B 694 6.01 -15.64 -6.88
N ARG B 695 4.87 -16.31 -6.95
CA ARG B 695 4.81 -17.71 -7.36
C ARG B 695 4.27 -17.92 -8.77
N GLY B 696 4.17 -16.87 -9.58
CA GLY B 696 3.64 -17.03 -10.91
C GLY B 696 2.13 -17.11 -10.96
N MET B 697 1.45 -16.17 -10.31
CA MET B 697 0.01 -16.13 -10.26
C MET B 697 -0.47 -14.71 -10.55
N ARG B 698 -1.78 -14.54 -10.65
CA ARG B 698 -2.38 -13.24 -10.87
C ARG B 698 -3.51 -13.03 -9.89
N VAL B 699 -3.69 -11.78 -9.47
CA VAL B 699 -4.73 -11.40 -8.52
C VAL B 699 -5.58 -10.29 -9.13
N VAL B 700 -6.88 -10.51 -9.17
CA VAL B 700 -7.84 -9.53 -9.68
C VAL B 700 -8.84 -9.23 -8.57
N THR B 701 -9.00 -7.94 -8.25
CA THR B 701 -9.88 -7.52 -7.16
C THR B 701 -11.16 -6.94 -7.75
N VAL B 702 -12.22 -7.74 -7.72
CA VAL B 702 -13.53 -7.30 -8.18
C VAL B 702 -14.02 -6.21 -7.24
N PRO B 703 -14.91 -5.30 -7.69
CA PRO B 703 -15.44 -4.24 -6.83
C PRO B 703 -16.48 -4.83 -5.85
N TYR B 704 -16.60 -4.23 -4.66
CA TYR B 704 -17.56 -4.71 -3.63
C TYR B 704 -18.95 -4.85 -4.26
N LEU B 705 -19.60 -6.00 -4.05
CA LEU B 705 -20.95 -6.26 -4.63
C LEU B 705 -21.83 -6.99 -3.61
N ALA B 706 -21.40 -7.04 -2.34
CA ALA B 706 -22.15 -7.72 -1.26
C ALA B 706 -22.51 -9.15 -1.68
N SER B 707 -21.50 -10.02 -1.81
CA SER B 707 -21.69 -11.43 -2.22
C SER B 707 -22.51 -12.20 -1.18
N SER B 708 -22.35 -11.85 0.10
CA SER B 708 -23.08 -12.54 1.22
C SER B 708 -24.59 -12.57 0.97
N LYS B 709 -25.17 -11.46 0.51
CA LYS B 709 -26.63 -11.38 0.26
C LYS B 709 -26.93 -11.64 -1.22
N VAL B 710 -26.39 -12.75 -1.76
CA VAL B 710 -26.63 -13.17 -3.17
C VAL B 710 -26.53 -14.68 -3.23
N CYS B 711 -27.54 -15.37 -3.77
CA CYS B 711 -27.50 -16.86 -3.83
C CYS B 711 -26.70 -17.31 -5.06
N ALA B 712 -25.74 -18.23 -4.87
CA ALA B 712 -24.89 -18.70 -5.98
C ALA B 712 -25.67 -19.46 -7.05
N GLU B 713 -26.59 -20.36 -6.66
CA GLU B 713 -27.34 -21.18 -7.65
C GLU B 713 -28.23 -20.32 -8.56
N CYS B 714 -29.02 -19.43 -7.97
CA CYS B 714 -29.91 -18.52 -8.73
C CYS B 714 -29.68 -17.14 -8.15
N ARG B 715 -29.47 -16.10 -8.95
CA ARG B 715 -29.08 -14.79 -8.34
C ARG B 715 -30.28 -14.02 -7.79
N LYS B 716 -30.85 -14.50 -6.68
CA LYS B 716 -32.04 -13.90 -6.01
C LYS B 716 -31.72 -12.52 -5.46
N LYS B 717 -30.51 -12.36 -4.90
CA LYS B 717 -30.08 -11.07 -4.28
C LYS B 717 -31.08 -10.73 -3.17
N GLN B 718 -31.04 -11.53 -2.09
CA GLN B 718 -31.92 -11.40 -0.93
C GLN B 718 -31.76 -10.03 -0.28
N LYS B 719 -32.89 -9.45 0.15
CA LYS B 719 -32.89 -8.15 0.81
C LYS B 719 -33.72 -8.12 2.08
N ASP B 720 -33.87 -9.26 2.77
CA ASP B 720 -34.67 -9.29 3.98
C ASP B 720 -34.08 -8.38 5.06
N ASN B 721 -32.75 -8.44 5.19
CA ASN B 721 -31.94 -7.59 6.10
C ASN B 721 -32.21 -7.87 7.59
N LYS B 722 -33.26 -8.62 7.92
CA LYS B 722 -33.57 -8.89 9.31
C LYS B 722 -33.20 -10.33 9.64
N GLN B 723 -33.56 -11.26 8.76
CA GLN B 723 -33.34 -12.68 9.01
C GLN B 723 -31.97 -13.11 8.53
N TRP B 724 -31.43 -12.44 7.52
CA TRP B 724 -30.14 -12.82 6.95
C TRP B 724 -29.02 -12.67 7.96
N GLU B 725 -29.01 -11.57 8.72
CA GLU B 725 -27.97 -11.38 9.72
C GLU B 725 -28.06 -12.44 10.81
N LYS B 726 -29.27 -12.77 11.25
CA LYS B 726 -29.44 -13.83 12.23
C LYS B 726 -28.91 -15.15 11.71
N ASN B 727 -29.20 -15.48 10.45
CA ASN B 727 -28.68 -16.72 9.89
C ASN B 727 -27.16 -16.70 9.83
N LYS B 728 -26.57 -15.58 9.41
CA LYS B 728 -25.11 -15.48 9.38
C LYS B 728 -24.52 -15.63 10.78
N LYS B 729 -25.29 -15.25 11.81
CA LYS B 729 -24.78 -15.35 13.17
C LYS B 729 -24.54 -16.79 13.60
N ARG B 730 -25.12 -17.76 12.90
CA ARG B 730 -24.89 -19.17 13.21
C ARG B 730 -24.17 -19.91 12.09
N GLY B 731 -23.78 -19.22 11.02
CA GLY B 731 -23.00 -19.83 9.96
C GLY B 731 -23.78 -20.55 8.89
N LEU B 732 -25.10 -20.65 9.03
CA LEU B 732 -25.96 -21.26 8.03
C LEU B 732 -26.97 -20.24 7.55
N PHE B 733 -27.51 -20.45 6.34
CA PHE B 733 -28.52 -19.55 5.80
C PHE B 733 -29.45 -20.37 4.93
N LYS B 734 -30.48 -19.72 4.38
CA LYS B 734 -31.43 -20.39 3.44
C LYS B 734 -31.91 -19.36 2.41
N CYS B 735 -31.66 -19.61 1.12
CA CYS B 735 -32.08 -18.63 0.07
C CYS B 735 -33.61 -18.48 0.11
N GLU B 736 -34.08 -17.24 -0.04
CA GLU B 736 -35.55 -16.98 -0.02
C GLU B 736 -36.25 -17.64 -1.22
N GLY B 737 -35.66 -17.52 -2.41
CA GLY B 737 -36.27 -18.01 -3.67
C GLY B 737 -36.40 -19.52 -3.82
N CYS B 738 -35.28 -20.23 -3.71
CA CYS B 738 -35.27 -21.69 -3.93
C CYS B 738 -35.13 -22.46 -2.61
N GLY B 739 -34.07 -22.18 -1.85
CA GLY B 739 -33.86 -22.87 -0.55
C GLY B 739 -32.52 -23.56 -0.46
N SER B 740 -31.44 -22.95 -0.97
CA SER B 740 -30.08 -23.54 -0.88
C SER B 740 -29.66 -23.56 0.60
N GLN B 741 -28.91 -24.57 1.03
CA GLN B 741 -28.56 -24.69 2.48
C GLN B 741 -27.06 -24.56 2.77
N ALA B 742 -26.26 -24.01 1.85
CA ALA B 742 -24.80 -23.90 2.08
C ALA B 742 -24.46 -22.83 3.12
N GLN B 743 -23.27 -22.95 3.75
CA GLN B 743 -22.82 -21.93 4.69
C GLN B 743 -22.57 -20.62 3.96
N VAL B 744 -22.54 -19.54 4.74
CA VAL B 744 -22.47 -18.19 4.15
C VAL B 744 -21.18 -18.02 3.36
N ASP B 745 -20.06 -18.50 3.91
CA ASP B 745 -18.78 -18.33 3.25
C ASP B 745 -18.70 -19.09 1.94
N GLU B 746 -19.22 -20.32 1.90
CA GLU B 746 -19.22 -21.08 0.65
C GLU B 746 -20.08 -20.39 -0.39
N ASN B 747 -21.24 -19.86 0.02
CA ASN B 747 -22.09 -19.12 -0.90
C ASN B 747 -21.36 -17.91 -1.47
N ALA B 748 -20.68 -17.14 -0.61
CA ALA B 748 -19.99 -15.95 -1.09
C ALA B 748 -18.85 -16.31 -2.02
N ALA B 749 -18.13 -17.39 -1.73
CA ALA B 749 -17.04 -17.83 -2.59
C ALA B 749 -17.58 -18.21 -3.97
N ARG B 750 -18.65 -18.99 -4.01
CA ARG B 750 -19.27 -19.33 -5.29
C ARG B 750 -19.74 -18.08 -6.02
N VAL B 751 -20.31 -17.12 -5.28
CA VAL B 751 -20.81 -15.89 -5.90
C VAL B 751 -19.67 -15.12 -6.56
N LEU B 752 -18.55 -14.98 -5.87
CA LEU B 752 -17.42 -14.27 -6.46
C LEU B 752 -16.86 -15.01 -7.67
N GLY B 753 -16.76 -16.34 -7.57
CA GLY B 753 -16.28 -17.10 -8.72
C GLY B 753 -17.17 -16.94 -9.94
N ARG B 754 -18.49 -16.88 -9.72
CA ARG B 754 -19.41 -16.64 -10.81
C ARG B 754 -19.28 -15.20 -11.34
N VAL B 755 -19.11 -14.24 -10.44
CA VAL B 755 -19.06 -12.83 -10.83
C VAL B 755 -17.85 -12.54 -11.70
N PHE B 756 -16.73 -13.21 -11.42
CA PHE B 756 -15.59 -13.04 -12.33
C PHE B 756 -15.97 -13.41 -13.76
N TRP B 757 -16.70 -14.50 -13.93
CA TRP B 757 -17.22 -14.88 -15.23
C TRP B 757 -18.41 -13.99 -15.56
N GLY B 758 -19.06 -14.26 -16.70
CA GLY B 758 -20.19 -13.43 -17.07
C GLY B 758 -21.51 -13.82 -16.46
N GLU B 759 -21.53 -14.79 -15.54
CA GLU B 759 -22.80 -15.35 -15.09
C GLU B 759 -23.54 -14.47 -14.11
N ILE B 760 -22.85 -13.55 -13.43
CA ILE B 760 -23.50 -12.66 -12.46
C ILE B 760 -22.99 -11.24 -12.70
N GLU B 761 -23.89 -10.26 -12.61
CA GLU B 761 -23.55 -8.88 -12.89
C GLU B 761 -23.40 -8.07 -11.61
N LEU B 762 -22.76 -6.92 -11.74
CA LEU B 762 -22.64 -5.99 -10.62
C LEU B 762 -23.99 -5.32 -10.37
N PRO B 763 -24.23 -4.85 -9.13
CA PRO B 763 -25.52 -4.19 -8.85
C PRO B 763 -25.77 -2.97 -9.72
N THR B 764 -24.80 -2.04 -9.77
CA THR B 764 -24.92 -0.80 -10.53
C THR B 764 -26.17 -0.04 -10.14
N ALA B 765 -26.51 -0.06 -8.85
CA ALA B 765 -27.74 0.56 -8.35
C ALA B 765 -27.50 2.00 -7.91
N ILE B 766 -26.90 2.80 -8.77
CA ILE B 766 -26.67 4.21 -8.49
C ILE B 766 -27.95 5.02 -8.76
N PRO B 767 -28.61 4.87 -9.93
CA PRO B 767 -29.83 5.65 -10.09
C PRO B 767 -31.02 5.04 -9.35
ZN ZN C . -31.43 -19.10 -4.67
#